data_9J3G
#
_entry.id   9J3G
#
_cell.length_a   53.251
_cell.length_b   83.293
_cell.length_c   94.189
_cell.angle_alpha   90.00
_cell.angle_beta   90.00
_cell.angle_gamma   90.00
#
_symmetry.space_group_name_H-M   'P 21 21 21'
#
loop_
_entity.id
_entity.type
_entity.pdbx_description
1 polymer SmPolE
2 non-polymer 'FE (II) ION'
3 water water
#
_entity_poly.entity_id   1
_entity_poly.type   'polypeptide(L)'
_entity_poly.pdbx_seq_one_letter_code
;MGSSHHHHHHSSGLVPRGSHMSEEIKRVIDEVDGIRKGLDRSADPRDPEFLDGLLKQMEKSPHLREQPIARALMEDLRGF
AEEPRLLRTKAHVNTRRDQHIFSYFDASYFPRLSLDYLTYETLPTHPLLAERYASNTMPVNITACSEGFESRVVVALFPE
NHLDGRQDPDDLIFYFINKFVERHNRITRKMIDAVMAPGSFPLIQGADDDLVESASAWWVRLHEFHHRQGDMPIPDYLHA
KKLKPLAGLEELRVDVSSMLVCLNDDELPADEARRAYEYMLAERLLRYAVEGIPRPNYDAVASQLLFNYLSENGGIALRG
DRIHLAPELPAVLARFLDEIVTVERRIHSESVADVKAGLLAFTNAYTDYDEAAKDYRHIPFFADVKQRLGV
;
_entity_poly.pdbx_strand_id   A
#
loop_
_chem_comp.id
_chem_comp.type
_chem_comp.name
_chem_comp.formula
FE2 non-polymer 'FE (II) ION' 'Fe 2'
#
# COMPACT_ATOMS: atom_id res chain seq x y z
N GLY A 18 -6.13 31.49 -5.03
CA GLY A 18 -5.61 30.70 -3.93
C GLY A 18 -4.88 31.55 -2.91
N SER A 19 -4.36 30.91 -1.87
CA SER A 19 -3.46 31.57 -0.94
C SER A 19 -2.11 31.84 -1.62
N HIS A 20 -1.27 32.62 -0.94
CA HIS A 20 0.02 32.98 -1.52
C HIS A 20 0.93 31.76 -1.67
N MET A 21 1.01 30.93 -0.62
CA MET A 21 1.72 29.66 -0.76
C MET A 21 1.15 28.78 -1.85
N SER A 22 -0.17 28.62 -1.90
CA SER A 22 -0.74 27.68 -2.86
C SER A 22 -0.44 28.11 -4.30
N GLU A 23 -0.44 29.42 -4.57
CA GLU A 23 -0.06 29.92 -5.90
C GLU A 23 1.41 29.65 -6.21
N GLU A 24 2.31 29.86 -5.24
CA GLU A 24 3.72 29.57 -5.45
C GLU A 24 3.97 28.08 -5.67
N ILE A 25 3.28 27.22 -4.90
CA ILE A 25 3.40 25.77 -5.12
C ILE A 25 2.93 25.41 -6.54
N LYS A 26 1.87 26.07 -7.02
CA LYS A 26 1.40 25.77 -8.37
C LYS A 26 2.45 26.14 -9.40
N ARG A 27 3.14 27.27 -9.18
CA ARG A 27 4.25 27.64 -10.05
C ARG A 27 5.39 26.64 -9.98
N VAL A 28 5.72 26.15 -8.77
CA VAL A 28 6.78 25.16 -8.64
C VAL A 28 6.39 23.89 -9.40
N ILE A 29 5.16 23.43 -9.21
CA ILE A 29 4.74 22.16 -9.80
C ILE A 29 4.58 22.29 -11.30
N ASP A 30 4.08 23.43 -11.78
CA ASP A 30 3.97 23.65 -13.24
C ASP A 30 5.34 23.57 -13.91
N GLU A 31 6.39 24.06 -13.25
CA GLU A 31 7.75 23.93 -13.78
C GLU A 31 8.19 22.48 -13.80
N VAL A 32 7.87 21.73 -12.75
CA VAL A 32 8.22 20.32 -12.73
C VAL A 32 7.55 19.60 -13.88
N ASP A 33 6.25 19.84 -14.05
CA ASP A 33 5.47 19.19 -15.09
C ASP A 33 6.00 19.52 -16.48
N GLY A 34 6.53 20.74 -16.64
CA GLY A 34 7.07 21.15 -17.92
C GLY A 34 8.38 20.45 -18.26
N ILE A 35 9.31 20.35 -17.29
CA ILE A 35 10.56 19.62 -17.52
C ILE A 35 10.27 18.15 -17.76
N ARG A 36 9.56 17.54 -16.82
CA ARG A 36 9.18 16.13 -16.86
C ARG A 36 8.67 15.65 -18.21
N LYS A 37 7.75 16.41 -18.81
CA LYS A 37 7.10 15.92 -20.02
C LYS A 37 8.03 15.93 -21.23
N GLY A 38 9.13 16.66 -21.18
CA GLY A 38 10.09 16.64 -22.25
C GLY A 38 11.27 15.69 -22.03
N LEU A 39 11.28 14.91 -20.96
CA LEU A 39 12.43 14.08 -20.66
C LEU A 39 12.42 12.85 -21.57
N ASP A 40 13.60 12.50 -22.10
CA ASP A 40 13.76 11.27 -22.89
C ASP A 40 13.67 10.09 -21.94
N ARG A 41 12.50 9.45 -21.91
CA ARG A 41 12.24 8.39 -20.89
C ARG A 41 12.76 7.02 -21.33
N SER A 42 13.30 6.93 -22.54
CA SER A 42 13.93 5.70 -22.95
C SER A 42 15.34 5.60 -22.43
N ALA A 43 15.95 6.74 -22.06
CA ALA A 43 17.30 6.80 -21.55
C ALA A 43 17.44 6.03 -20.23
N ASP A 44 18.67 5.69 -19.89
CA ASP A 44 18.99 5.27 -18.53
C ASP A 44 18.98 6.52 -17.67
N PRO A 45 18.08 6.63 -16.68
CA PRO A 45 18.00 7.87 -15.89
C PRO A 45 19.21 8.10 -15.00
N ARG A 46 20.14 7.14 -14.90
CA ARG A 46 21.39 7.33 -14.19
C ARG A 46 22.53 7.77 -15.11
N ASP A 47 22.31 7.79 -16.42
CA ASP A 47 23.34 8.23 -17.36
C ASP A 47 23.74 9.68 -17.11
N PRO A 48 25.05 9.97 -17.00
CA PRO A 48 25.47 11.33 -16.60
C PRO A 48 25.06 12.41 -17.57
N GLU A 49 24.99 12.12 -18.86
CA GLU A 49 24.49 13.11 -19.81
C GLU A 49 23.02 13.41 -19.56
N PHE A 50 22.24 12.39 -19.23
CA PHE A 50 20.83 12.62 -18.93
C PHE A 50 20.68 13.51 -17.70
N LEU A 51 21.44 13.22 -16.65
CA LEU A 51 21.27 13.97 -15.41
C LEU A 51 21.80 15.39 -15.54
N ASP A 52 22.95 15.56 -16.22
CA ASP A 52 23.47 16.90 -16.47
C ASP A 52 22.46 17.77 -17.20
N GLY A 53 21.83 17.22 -18.25
CA GLY A 53 20.82 17.98 -18.96
C GLY A 53 19.61 18.28 -18.09
N LEU A 54 19.23 17.33 -17.23
CA LEU A 54 18.13 17.57 -16.30
C LEU A 54 18.51 18.65 -15.29
N LEU A 55 19.71 18.55 -14.71
CA LEU A 55 20.20 19.60 -13.81
C LEU A 55 20.13 20.98 -14.45
N LYS A 56 20.51 21.09 -15.72
CA LYS A 56 20.55 22.39 -16.36
C LYS A 56 19.16 23.00 -16.49
N GLN A 57 18.16 22.18 -16.82
CA GLN A 57 16.79 22.68 -16.90
C GLN A 57 16.30 23.16 -15.53
N MET A 58 16.70 22.43 -14.48
CA MET A 58 16.30 22.74 -13.11
C MET A 58 16.97 24.00 -12.60
N GLU A 59 18.25 24.17 -12.91
CA GLU A 59 19.01 25.34 -12.47
C GLU A 59 18.47 26.62 -13.09
N LYS A 60 17.82 26.52 -14.25
CA LYS A 60 17.15 27.63 -14.88
C LYS A 60 15.65 27.63 -14.61
N SER A 61 15.22 26.94 -13.56
CA SER A 61 13.82 26.82 -13.21
C SER A 61 13.58 27.68 -11.96
N PRO A 62 13.01 28.86 -12.13
CA PRO A 62 13.22 29.93 -11.12
C PRO A 62 12.45 29.74 -9.82
N HIS A 63 11.22 29.23 -9.87
CA HIS A 63 10.50 28.96 -8.63
C HIS A 63 10.92 27.62 -8.04
N LEU A 64 11.09 26.61 -8.91
CA LEU A 64 11.52 25.31 -8.42
C LEU A 64 12.86 25.39 -7.72
N ARG A 65 13.83 26.10 -8.32
CA ARG A 65 15.17 26.03 -7.74
C ARG A 65 15.28 26.75 -6.40
N GLU A 66 14.24 27.47 -5.97
CA GLU A 66 14.26 28.07 -4.64
C GLU A 66 13.82 27.10 -3.55
N GLN A 67 13.14 26.00 -3.91
CA GLN A 67 12.58 25.11 -2.90
C GLN A 67 13.69 24.27 -2.23
N PRO A 68 13.71 24.16 -0.90
CA PRO A 68 14.74 23.35 -0.25
C PRO A 68 14.84 21.93 -0.79
N ILE A 69 13.73 21.24 -1.05
CA ILE A 69 13.84 19.84 -1.48
C ILE A 69 14.48 19.77 -2.87
N ALA A 70 14.16 20.74 -3.74
CA ALA A 70 14.75 20.75 -5.07
C ALA A 70 16.24 21.04 -5.00
N ARG A 71 16.66 21.83 -4.03
CA ARG A 71 18.08 22.08 -3.87
C ARG A 71 18.80 20.83 -3.35
N ALA A 72 18.17 20.08 -2.46
CA ALA A 72 18.72 18.80 -2.04
C ALA A 72 18.84 17.83 -3.21
N LEU A 73 17.77 17.70 -4.01
CA LEU A 73 17.81 16.81 -5.15
C LEU A 73 18.93 17.21 -6.10
N MET A 74 19.02 18.50 -6.40
CA MET A 74 20.00 18.99 -7.36
C MET A 74 21.42 18.66 -6.92
N GLU A 75 21.71 18.79 -5.62
CA GLU A 75 23.05 18.47 -5.18
C GLU A 75 23.28 16.96 -5.25
N ASP A 76 22.27 16.16 -4.88
CA ASP A 76 22.39 14.71 -5.01
C ASP A 76 22.65 14.32 -6.45
N LEU A 77 21.88 14.88 -7.37
CA LEU A 77 22.07 14.54 -8.77
C LEU A 77 23.44 14.95 -9.25
N ARG A 78 23.89 16.16 -8.87
CA ARG A 78 25.18 16.62 -9.36
C ARG A 78 26.31 15.67 -8.98
N GLY A 79 26.27 15.12 -7.76
CA GLY A 79 27.25 14.16 -7.31
C GLY A 79 26.95 12.70 -7.61
N PHE A 80 25.98 12.39 -8.46
CA PHE A 80 25.44 11.03 -8.46
C PHE A 80 26.44 10.01 -8.99
N ALA A 81 27.29 10.38 -9.95
CA ALA A 81 28.28 9.42 -10.47
C ALA A 81 29.24 8.95 -9.38
N GLU A 82 29.73 9.88 -8.55
CA GLU A 82 30.63 9.53 -7.48
C GLU A 82 29.91 8.92 -6.28
N GLU A 83 28.68 9.38 -6.02
CA GLU A 83 27.92 9.01 -4.83
C GLU A 83 26.48 8.76 -5.24
N PRO A 84 26.18 7.55 -5.75
CA PRO A 84 24.84 7.25 -6.28
C PRO A 84 23.81 7.00 -5.17
N ARG A 85 23.70 7.97 -4.28
CA ARG A 85 22.67 8.05 -3.24
C ARG A 85 21.95 9.38 -3.39
N LEU A 86 20.64 9.39 -3.16
CA LEU A 86 19.92 10.65 -3.00
C LEU A 86 19.91 10.98 -1.51
N LEU A 87 21.12 11.26 -1.02
CA LEU A 87 21.34 11.31 0.43
C LEU A 87 20.64 12.51 1.06
N ARG A 88 20.80 13.69 0.46
CA ARG A 88 20.16 14.90 0.98
C ARG A 88 18.65 14.89 0.73
N THR A 89 18.21 14.36 -0.42
CA THR A 89 16.79 14.29 -0.69
C THR A 89 16.08 13.43 0.34
N LYS A 90 16.63 12.24 0.61
CA LYS A 90 15.98 11.35 1.56
C LYS A 90 16.14 11.85 3.00
N ALA A 91 17.26 12.47 3.35
CA ALA A 91 17.36 13.07 4.68
C ALA A 91 16.29 14.14 4.87
N HIS A 92 16.04 14.97 3.86
CA HIS A 92 14.99 15.99 3.94
C HIS A 92 13.63 15.36 4.20
N VAL A 93 13.29 14.33 3.42
CA VAL A 93 11.99 13.68 3.55
C VAL A 93 11.88 12.94 4.88
N ASN A 94 12.91 12.14 5.22
CA ASN A 94 12.84 11.29 6.41
C ASN A 94 12.78 12.12 7.68
N THR A 95 13.50 13.25 7.73
CA THR A 95 13.37 14.15 8.86
C THR A 95 12.13 15.05 8.77
N ARG A 96 11.42 15.03 7.64
CA ARG A 96 10.24 15.86 7.43
C ARG A 96 10.54 17.34 7.65
N ARG A 97 11.63 17.79 7.02
CA ARG A 97 12.02 19.20 7.18
C ARG A 97 10.89 20.13 6.73
N ASP A 98 10.22 19.76 5.64
CA ASP A 98 8.88 20.25 5.32
C ASP A 98 8.09 19.06 4.79
N GLN A 99 6.90 19.31 4.25
CA GLN A 99 6.04 18.25 3.76
C GLN A 99 6.01 18.24 2.23
N HIS A 100 7.16 18.54 1.63
CA HIS A 100 7.39 18.45 0.19
C HIS A 100 8.17 17.18 -0.12
N ILE A 101 7.70 16.40 -1.11
CA ILE A 101 8.44 15.24 -1.56
C ILE A 101 8.74 15.41 -3.05
N PHE A 102 10.02 15.46 -3.39
CA PHE A 102 10.45 15.74 -4.77
C PHE A 102 11.69 14.92 -5.01
N SER A 103 11.74 14.22 -6.12
CA SER A 103 12.90 13.41 -6.39
C SER A 103 12.86 12.99 -7.85
N TYR A 104 13.79 12.15 -8.24
CA TYR A 104 13.73 11.46 -9.52
C TYR A 104 13.52 9.99 -9.21
N PHE A 105 12.40 9.48 -9.68
CA PHE A 105 11.94 8.14 -9.34
C PHE A 105 12.18 7.21 -10.52
N ASP A 106 12.39 5.95 -10.20
CA ASP A 106 12.62 4.89 -11.18
C ASP A 106 12.09 3.61 -10.53
N ALA A 107 10.82 3.30 -10.78
CA ALA A 107 10.12 2.24 -10.08
C ALA A 107 9.40 1.38 -11.11
N SER A 108 9.77 0.09 -11.21
CA SER A 108 9.20 -0.76 -12.25
C SER A 108 7.68 -0.68 -12.25
N TYR A 109 7.07 -0.84 -11.07
CA TYR A 109 5.62 -0.90 -10.96
C TYR A 109 4.95 0.46 -10.85
N PHE A 110 5.70 1.57 -10.84
CA PHE A 110 5.15 2.92 -10.99
C PHE A 110 5.82 3.58 -12.19
N PRO A 111 5.58 3.06 -13.40
CA PRO A 111 6.40 3.50 -14.54
C PRO A 111 6.20 4.95 -14.89
N ARG A 112 5.05 5.54 -14.55
CA ARG A 112 4.84 6.92 -14.94
C ARG A 112 5.56 7.90 -14.04
N LEU A 113 6.06 7.47 -12.89
CA LEU A 113 6.84 8.36 -12.01
C LEU A 113 8.23 8.62 -12.59
N SER A 114 8.61 9.89 -12.62
CA SER A 114 9.94 10.26 -13.05
C SER A 114 10.40 11.46 -12.22
N LEU A 115 10.50 12.63 -12.83
CA LEU A 115 10.77 13.85 -12.07
C LEU A 115 9.44 14.32 -11.50
N ASP A 116 9.20 14.08 -10.20
CA ASP A 116 7.85 14.28 -9.69
C ASP A 116 7.90 14.83 -8.27
N TYR A 117 6.89 15.63 -7.97
CA TYR A 117 6.83 16.56 -6.82
C TYR A 117 5.43 16.53 -6.21
N LEU A 118 5.35 16.42 -4.88
CA LEU A 118 4.08 16.57 -4.18
C LEU A 118 4.30 17.31 -2.87
N THR A 119 3.20 17.88 -2.38
CA THR A 119 3.08 18.29 -0.98
C THR A 119 2.04 17.41 -0.31
N TYR A 120 2.19 17.15 0.99
CA TYR A 120 1.24 16.29 1.68
C TYR A 120 0.77 16.95 2.96
N GLU A 121 -0.37 16.48 3.46
CA GLU A 121 -0.87 16.87 4.77
C GLU A 121 -0.91 15.62 5.64
N THR A 122 -0.62 15.78 6.93
CA THR A 122 -0.58 14.59 7.76
C THR A 122 -2.00 14.23 8.22
N LEU A 123 -2.16 13.01 8.71
CA LEU A 123 -3.44 12.59 9.22
C LEU A 123 -3.29 12.29 10.71
N PRO A 124 -4.17 12.82 11.56
CA PRO A 124 -4.04 12.52 12.99
C PRO A 124 -4.41 11.09 13.32
N THR A 125 -3.57 10.43 14.10
CA THR A 125 -3.84 9.07 14.54
C THR A 125 -3.70 8.98 16.05
N HIS A 126 -4.51 8.10 16.62
CA HIS A 126 -4.54 7.92 18.06
C HIS A 126 -3.14 7.59 18.59
N PRO A 127 -2.73 8.18 19.72
CA PRO A 127 -1.35 7.99 20.18
C PRO A 127 -0.97 6.55 20.46
N LEU A 128 -1.83 5.75 21.10
CA LEU A 128 -1.43 4.37 21.39
C LEU A 128 -1.24 3.54 20.13
N LEU A 129 -1.79 3.97 18.99
CA LEU A 129 -1.58 3.26 17.75
C LEU A 129 -0.13 3.34 17.31
N ALA A 130 0.37 4.57 17.11
CA ALA A 130 1.76 4.74 16.70
C ALA A 130 2.72 4.42 17.83
N GLU A 131 2.24 4.31 19.06
CA GLU A 131 3.07 4.01 20.22
C GLU A 131 3.27 2.51 20.36
N ARG A 132 2.17 1.75 20.38
CA ARG A 132 2.28 0.31 20.49
C ARG A 132 2.63 -0.35 19.16
N TYR A 133 2.32 0.29 18.03
CA TYR A 133 2.48 -0.35 16.73
C TYR A 133 3.30 0.53 15.80
N ALA A 134 4.46 0.98 16.29
CA ALA A 134 5.26 1.94 15.54
C ALA A 134 5.89 1.30 14.31
N SER A 135 5.90 2.05 13.22
CA SER A 135 6.75 1.77 12.07
C SER A 135 7.14 3.12 11.48
N ASN A 136 7.83 3.08 10.36
CA ASN A 136 8.22 4.29 9.66
C ASN A 136 7.22 4.62 8.53
N THR A 137 5.94 4.55 8.88
CA THR A 137 4.84 4.65 7.93
C THR A 137 4.10 5.98 8.10
N MET A 138 3.94 6.69 7.00
CA MET A 138 3.28 7.99 6.95
C MET A 138 2.01 7.90 6.13
N PRO A 139 0.83 7.74 6.75
CA PRO A 139 -0.43 7.88 6.01
C PRO A 139 -0.76 9.36 5.86
N VAL A 140 -0.83 9.82 4.63
CA VAL A 140 -0.93 11.24 4.33
C VAL A 140 -1.92 11.41 3.18
N ASN A 141 -2.38 12.65 2.98
CA ASN A 141 -3.12 13.04 1.78
C ASN A 141 -2.24 13.93 0.92
N ILE A 142 -2.29 13.68 -0.40
CA ILE A 142 -1.65 14.57 -1.35
C ILE A 142 -2.46 15.85 -1.49
N THR A 143 -1.81 17.00 -1.29
CA THR A 143 -2.52 18.25 -1.44
C THR A 143 -2.19 18.99 -2.74
N ALA A 144 -1.06 18.68 -3.36
CA ALA A 144 -0.74 19.20 -4.69
C ALA A 144 0.34 18.30 -5.28
N CYS A 145 0.34 18.13 -6.61
CA CYS A 145 1.35 17.25 -7.17
C CYS A 145 1.48 17.40 -8.68
N SER A 146 2.63 16.98 -9.19
CA SER A 146 2.92 16.84 -10.61
C SER A 146 2.22 15.61 -11.19
N GLU A 147 2.29 15.47 -12.52
CA GLU A 147 1.43 14.50 -13.22
C GLU A 147 1.71 13.07 -12.80
N GLY A 148 2.97 12.73 -12.54
CA GLY A 148 3.30 11.38 -12.18
C GLY A 148 2.54 10.91 -10.97
N PHE A 149 2.38 11.79 -9.97
CA PHE A 149 1.66 11.45 -8.76
C PHE A 149 0.13 11.46 -8.94
N GLU A 150 -0.36 11.86 -10.11
CA GLU A 150 -1.78 11.71 -10.44
C GLU A 150 -2.13 10.28 -10.83
N SER A 151 -1.14 9.46 -11.16
CA SER A 151 -1.38 8.09 -11.59
C SER A 151 -2.17 7.37 -10.51
N ARG A 152 -3.31 6.80 -10.90
CA ARG A 152 -4.13 6.09 -9.91
C ARG A 152 -3.39 4.91 -9.32
N VAL A 153 -2.35 4.45 -10.01
CA VAL A 153 -1.60 3.28 -9.59
C VAL A 153 -0.70 3.64 -8.39
N VAL A 154 -0.30 4.90 -8.29
CA VAL A 154 0.73 5.31 -7.32
C VAL A 154 -0.03 5.62 -6.04
N VAL A 155 -0.29 4.56 -5.26
CA VAL A 155 -1.02 4.69 -3.99
C VAL A 155 -0.07 4.78 -2.80
N ALA A 156 1.23 4.57 -3.02
CA ALA A 156 2.21 4.67 -1.95
C ALA A 156 3.53 5.10 -2.56
N LEU A 157 4.53 5.26 -1.70
CA LEU A 157 5.87 5.59 -2.16
C LEU A 157 6.89 4.97 -1.22
N PHE A 158 7.83 4.23 -1.78
CA PHE A 158 8.79 3.47 -1.00
C PHE A 158 10.20 3.99 -1.23
N PRO A 159 11.08 3.89 -0.22
CA PRO A 159 12.42 4.48 -0.37
C PRO A 159 13.15 4.01 -1.62
N GLU A 160 12.99 2.73 -1.97
CA GLU A 160 13.72 2.21 -3.12
C GLU A 160 13.14 2.71 -4.44
N ASN A 161 11.99 3.42 -4.44
CA ASN A 161 11.46 3.94 -5.71
C ASN A 161 12.27 5.11 -6.23
N HIS A 162 13.02 5.75 -5.34
CA HIS A 162 13.97 6.81 -5.70
C HIS A 162 15.04 6.28 -6.64
N LEU A 163 15.69 7.21 -7.36
CA LEU A 163 16.68 6.84 -8.36
C LEU A 163 17.79 5.96 -7.79
N ASP A 164 18.15 6.15 -6.51
CA ASP A 164 19.27 5.37 -5.98
C ASP A 164 18.87 3.93 -5.64
N GLY A 165 17.59 3.59 -5.71
CA GLY A 165 17.13 2.24 -5.47
C GLY A 165 17.39 1.70 -4.09
N ARG A 166 17.69 2.54 -3.11
CA ARG A 166 18.08 2.06 -1.80
C ARG A 166 16.92 2.17 -0.85
N GLN A 167 16.89 1.25 0.11
CA GLN A 167 16.06 1.36 1.31
C GLN A 167 16.97 1.22 2.51
N ASP A 168 16.88 2.17 3.42
CA ASP A 168 17.73 2.21 4.60
C ASP A 168 16.84 2.27 5.84
N PRO A 169 17.38 1.93 7.02
CA PRO A 169 16.50 1.70 8.18
C PRO A 169 15.72 2.92 8.65
N ASP A 170 16.21 4.12 8.39
CA ASP A 170 15.45 5.31 8.80
C ASP A 170 14.34 5.69 7.82
N ASP A 171 14.26 5.07 6.65
CA ASP A 171 13.41 5.61 5.59
C ASP A 171 11.93 5.56 5.95
N LEU A 172 11.23 6.67 5.70
CA LEU A 172 9.78 6.70 5.82
C LEU A 172 9.14 6.12 4.57
N ILE A 173 8.05 5.37 4.80
CA ILE A 173 7.18 4.88 3.74
C ILE A 173 5.93 5.73 3.74
N PHE A 174 5.42 6.06 2.56
CA PHE A 174 4.26 6.96 2.46
C PHE A 174 3.11 6.24 1.81
N TYR A 175 1.91 6.44 2.36
CA TYR A 175 0.66 5.96 1.79
C TYR A 175 -0.26 7.14 1.57
N PHE A 176 -0.85 7.22 0.38
CA PHE A 176 -1.68 8.36 0.01
C PHE A 176 -3.11 7.96 0.30
N ILE A 177 -3.57 8.31 1.50
CA ILE A 177 -4.86 7.81 1.96
C ILE A 177 -5.99 8.35 1.09
N ASN A 178 -5.85 9.57 0.55
CA ASN A 178 -6.91 10.09 -0.33
C ASN A 178 -7.18 9.15 -1.49
N LYS A 179 -6.14 8.49 -1.99
CA LYS A 179 -6.34 7.55 -3.07
C LYS A 179 -7.04 6.28 -2.60
N PHE A 180 -6.78 5.85 -1.36
CA PHE A 180 -7.51 4.68 -0.83
C PHE A 180 -8.97 5.03 -0.54
N VAL A 181 -9.23 6.20 0.00
CA VAL A 181 -10.61 6.65 0.20
C VAL A 181 -11.35 6.64 -1.13
N GLU A 182 -10.70 7.10 -2.19
CA GLU A 182 -11.29 7.09 -3.53
C GLU A 182 -11.64 5.68 -3.96
N ARG A 183 -10.70 4.74 -3.78
CA ARG A 183 -10.98 3.37 -4.16
C ARG A 183 -12.18 2.83 -3.39
N HIS A 184 -12.24 3.16 -2.09
CA HIS A 184 -13.37 2.75 -1.26
C HIS A 184 -14.68 3.32 -1.79
N ASN A 185 -14.68 4.62 -2.13
CA ASN A 185 -15.88 5.28 -2.64
C ASN A 185 -16.31 4.75 -4.00
N ARG A 186 -15.36 4.35 -4.84
CA ARG A 186 -15.65 3.95 -6.21
C ARG A 186 -16.05 2.50 -6.35
N ILE A 187 -15.55 1.64 -5.47
CA ILE A 187 -15.73 0.19 -5.67
C ILE A 187 -16.28 -0.43 -4.40
N THR A 188 -15.63 -0.20 -3.27
CA THR A 188 -15.93 -0.98 -2.08
C THR A 188 -17.34 -0.71 -1.56
N ARG A 189 -17.74 0.57 -1.49
CA ARG A 189 -19.09 0.92 -1.04
C ARG A 189 -20.17 0.19 -1.84
N LYS A 190 -20.13 0.32 -3.17
CA LYS A 190 -21.02 -0.39 -4.07
C LYS A 190 -21.05 -1.88 -3.77
N MET A 191 -19.87 -2.46 -3.54
CA MET A 191 -19.75 -3.88 -3.27
C MET A 191 -20.35 -4.25 -1.94
N ILE A 192 -20.19 -3.41 -0.92
CA ILE A 192 -20.80 -3.72 0.38
C ILE A 192 -22.30 -3.85 0.23
N ASP A 193 -22.92 -2.97 -0.57
CA ASP A 193 -24.37 -2.98 -0.70
C ASP A 193 -24.87 -4.16 -1.53
N ALA A 194 -24.16 -4.51 -2.61
CA ALA A 194 -24.64 -5.48 -3.59
C ALA A 194 -24.14 -6.90 -3.35
N VAL A 195 -23.26 -7.11 -2.37
CA VAL A 195 -22.51 -8.35 -2.25
C VAL A 195 -22.64 -8.90 -0.83
N MET A 196 -22.54 -8.04 0.17
CA MET A 196 -22.71 -8.44 1.56
C MET A 196 -24.19 -8.55 1.93
N ALA A 197 -24.45 -9.37 2.94
CA ALA A 197 -25.76 -9.44 3.52
C ALA A 197 -26.06 -8.10 4.19
N PRO A 198 -27.32 -7.64 4.17
CA PRO A 198 -27.66 -6.42 4.90
C PRO A 198 -27.21 -6.52 6.34
N GLY A 199 -26.67 -5.44 6.88
CA GLY A 199 -26.23 -5.41 8.26
C GLY A 199 -24.82 -5.93 8.50
N SER A 200 -24.09 -6.29 7.45
CA SER A 200 -22.79 -6.94 7.62
C SER A 200 -21.76 -6.01 8.28
N PHE A 201 -21.65 -4.77 7.79
CA PHE A 201 -20.61 -3.85 8.24
C PHE A 201 -21.30 -2.61 8.80
N PRO A 202 -21.82 -2.69 10.03
CA PRO A 202 -22.66 -1.59 10.54
C PRO A 202 -21.91 -0.30 10.81
N LEU A 203 -20.65 -0.36 11.22
CA LEU A 203 -19.91 0.86 11.54
C LEU A 203 -19.26 1.52 10.34
N ILE A 204 -19.15 0.84 9.19
CA ILE A 204 -18.40 1.40 8.07
C ILE A 204 -19.35 1.58 6.89
N GLN A 205 -20.40 0.76 6.80
CA GLN A 205 -21.47 1.03 5.84
C GLN A 205 -21.98 2.45 5.97
N GLY A 206 -21.98 3.16 4.85
CA GLY A 206 -22.42 4.54 4.83
C GLY A 206 -21.65 5.47 5.74
N ALA A 207 -20.46 5.07 6.19
CA ALA A 207 -19.66 5.96 7.01
C ALA A 207 -19.14 7.14 6.20
N ASP A 208 -18.90 8.24 6.89
CA ASP A 208 -18.38 9.45 6.28
C ASP A 208 -16.92 9.28 5.84
N ASP A 209 -16.52 10.05 4.82
CA ASP A 209 -15.17 9.93 4.28
C ASP A 209 -14.10 10.15 5.35
N ASP A 210 -14.31 11.11 6.27
CA ASP A 210 -13.32 11.28 7.33
C ASP A 210 -13.18 9.99 8.14
N LEU A 211 -14.25 9.20 8.25
CA LEU A 211 -14.16 7.97 9.03
C LEU A 211 -13.52 6.86 8.22
N VAL A 212 -13.82 6.78 6.92
CA VAL A 212 -13.08 5.87 6.04
C VAL A 212 -11.60 6.25 6.03
N GLU A 213 -11.32 7.55 5.85
CA GLU A 213 -9.95 8.04 5.88
C GLU A 213 -9.21 7.52 7.10
N SER A 214 -9.81 7.67 8.27
CA SER A 214 -9.11 7.25 9.48
C SER A 214 -8.94 5.73 9.54
N ALA A 215 -10.00 4.99 9.20
CA ALA A 215 -9.89 3.53 9.08
C ALA A 215 -8.74 3.13 8.17
N SER A 216 -8.58 3.83 7.06
CA SER A 216 -7.55 3.45 6.09
C SER A 216 -6.17 3.74 6.64
N ALA A 217 -6.03 4.84 7.39
CA ALA A 217 -4.75 5.15 8.01
C ALA A 217 -4.40 4.13 9.09
N TRP A 218 -5.40 3.68 9.85
CA TRP A 218 -5.18 2.54 10.74
C TRP A 218 -4.70 1.32 9.99
N TRP A 219 -5.35 1.02 8.87
CA TRP A 219 -4.96 -0.17 8.14
C TRP A 219 -3.48 -0.13 7.72
N VAL A 220 -3.05 0.97 7.08
CA VAL A 220 -1.68 1.01 6.58
C VAL A 220 -0.68 0.91 7.73
N ARG A 221 -1.00 1.53 8.88
CA ARG A 221 -0.07 1.53 10.01
C ARG A 221 0.11 0.12 10.55
N LEU A 222 -1.00 -0.59 10.74
CA LEU A 222 -0.95 -1.95 11.26
C LEU A 222 -0.41 -2.92 10.22
N HIS A 223 -0.76 -2.68 8.97
CA HIS A 223 -0.17 -3.42 7.86
C HIS A 223 1.35 -3.43 7.92
N GLU A 224 1.97 -2.25 7.86
CA GLU A 224 3.43 -2.18 7.86
C GLU A 224 4.04 -2.70 9.16
N PHE A 225 3.36 -2.47 10.29
CA PHE A 225 3.83 -3.04 11.55
C PHE A 225 3.95 -4.55 11.46
N HIS A 226 2.89 -5.20 10.98
CA HIS A 226 2.85 -6.66 11.00
C HIS A 226 3.78 -7.28 9.98
N HIS A 227 4.20 -6.52 8.96
CA HIS A 227 5.20 -7.06 8.04
C HIS A 227 6.46 -7.43 8.76
N ARG A 228 6.84 -6.62 9.75
CA ARG A 228 8.07 -6.77 10.48
C ARG A 228 7.95 -7.72 11.66
N GLN A 229 6.77 -8.31 11.87
CA GLN A 229 6.52 -9.25 12.94
C GLN A 229 6.49 -10.69 12.43
N GLY A 230 6.74 -11.61 13.34
CA GLY A 230 6.58 -13.02 13.07
C GLY A 230 7.90 -13.73 12.85
N ASP A 231 7.78 -14.98 12.41
CA ASP A 231 8.94 -15.81 12.16
C ASP A 231 9.61 -15.53 10.82
N MET A 232 8.90 -14.94 9.86
CA MET A 232 9.47 -14.66 8.54
C MET A 232 9.14 -13.24 8.08
N PRO A 233 9.62 -12.23 8.80
CA PRO A 233 9.23 -10.84 8.49
C PRO A 233 9.84 -10.41 7.16
N ILE A 234 9.08 -9.56 6.40
CA ILE A 234 9.44 -9.32 4.99
C ILE A 234 10.79 -8.65 4.76
N PRO A 235 11.18 -7.63 5.51
CA PRO A 235 12.54 -7.14 5.33
C PRO A 235 13.51 -8.32 5.16
N ASP A 236 13.53 -9.24 6.12
CA ASP A 236 14.50 -10.32 6.10
C ASP A 236 14.14 -11.43 5.10
N TYR A 237 12.85 -11.75 4.94
CA TYR A 237 12.45 -12.89 4.11
C TYR A 237 11.70 -12.47 2.84
N LEU A 238 12.02 -11.28 2.32
CA LEU A 238 11.48 -10.81 1.04
C LEU A 238 11.53 -11.89 -0.03
N HIS A 239 12.73 -12.46 -0.26
CA HIS A 239 12.90 -13.33 -1.41
C HIS A 239 12.18 -14.65 -1.24
N ALA A 240 12.06 -15.12 0.01
CA ALA A 240 11.30 -16.34 0.26
C ALA A 240 9.86 -16.19 -0.20
N LYS A 241 9.34 -14.96 -0.27
CA LYS A 241 7.91 -14.70 -0.44
C LYS A 241 7.62 -13.91 -1.72
N LYS A 242 8.44 -14.08 -2.76
CA LYS A 242 8.22 -13.34 -3.99
C LYS A 242 7.21 -14.00 -4.93
N LEU A 243 7.07 -15.33 -4.92
CA LEU A 243 6.10 -15.93 -5.82
C LEU A 243 4.70 -15.43 -5.50
N LYS A 244 3.95 -15.10 -6.57
CA LYS A 244 2.59 -14.58 -6.51
C LYS A 244 1.72 -15.14 -5.38
N PRO A 245 1.58 -16.45 -5.24
CA PRO A 245 0.77 -16.94 -4.11
C PRO A 245 1.39 -16.58 -2.77
N LEU A 246 2.71 -16.55 -2.69
CA LEU A 246 3.34 -16.26 -1.40
C LEU A 246 3.37 -14.76 -1.12
N ALA A 247 3.51 -13.94 -2.15
CA ALA A 247 3.39 -12.50 -1.97
C ALA A 247 2.00 -12.15 -1.43
N GLY A 248 0.98 -12.82 -1.96
CA GLY A 248 -0.39 -12.59 -1.55
C GLY A 248 -0.68 -13.16 -0.18
N LEU A 249 -0.14 -14.35 0.12
CA LEU A 249 -0.35 -14.92 1.44
C LEU A 249 0.25 -14.04 2.52
N GLU A 250 1.39 -13.43 2.22
CA GLU A 250 2.04 -12.55 3.17
C GLU A 250 1.20 -11.30 3.44
N GLU A 251 0.60 -10.72 2.40
CA GLU A 251 -0.25 -9.55 2.61
C GLU A 251 -1.47 -9.93 3.45
N LEU A 252 -2.02 -11.12 3.19
CA LEU A 252 -3.09 -11.65 4.02
C LEU A 252 -2.66 -11.80 5.46
N ARG A 253 -1.43 -12.29 5.69
CA ARG A 253 -0.99 -12.50 7.07
C ARG A 253 -1.01 -11.19 7.85
N VAL A 254 -0.52 -10.11 7.23
CA VAL A 254 -0.38 -8.86 7.95
C VAL A 254 -1.73 -8.14 8.06
N ASP A 255 -2.66 -8.37 7.12
CA ASP A 255 -3.98 -7.72 7.21
C ASP A 255 -4.86 -8.41 8.24
N VAL A 256 -4.88 -9.75 8.22
CA VAL A 256 -5.61 -10.49 9.26
C VAL A 256 -5.04 -10.19 10.64
N SER A 257 -3.69 -10.21 10.76
CA SER A 257 -3.08 -9.78 12.02
C SER A 257 -3.59 -8.42 12.45
N SER A 258 -3.69 -7.49 11.49
CA SER A 258 -4.19 -6.16 11.77
C SER A 258 -5.64 -6.21 12.23
N MET A 259 -6.48 -6.97 11.52
CA MET A 259 -7.88 -7.14 11.92
C MET A 259 -7.96 -7.62 13.37
N LEU A 260 -7.13 -8.60 13.70
CA LEU A 260 -7.20 -9.23 15.02
C LEU A 260 -6.73 -8.29 16.11
N VAL A 261 -5.72 -7.47 15.83
CA VAL A 261 -5.36 -6.41 16.75
C VAL A 261 -6.56 -5.48 16.99
N CYS A 262 -7.32 -5.21 15.94
CA CYS A 262 -8.46 -4.31 16.09
C CYS A 262 -9.58 -4.94 16.92
N LEU A 263 -9.65 -6.27 16.95
CA LEU A 263 -10.66 -6.95 17.76
C LEU A 263 -10.19 -7.26 19.17
N ASN A 264 -8.87 -7.38 19.38
CA ASN A 264 -8.34 -7.97 20.59
C ASN A 264 -7.71 -6.96 21.52
N ASP A 265 -7.15 -5.88 20.98
CA ASP A 265 -6.50 -4.85 21.79
C ASP A 265 -7.58 -3.89 22.26
N ASP A 266 -8.16 -4.20 23.42
CA ASP A 266 -9.26 -3.42 23.95
C ASP A 266 -8.83 -2.07 24.52
N GLU A 267 -7.53 -1.75 24.52
CA GLU A 267 -7.07 -0.41 24.87
C GLU A 267 -7.15 0.58 23.71
N LEU A 268 -7.34 0.09 22.49
CA LEU A 268 -7.62 0.97 21.37
C LEU A 268 -9.05 1.50 21.51
N PRO A 269 -9.30 2.76 21.14
CA PRO A 269 -10.68 3.26 21.10
C PRO A 269 -11.57 2.32 20.32
N ALA A 270 -12.75 2.03 20.89
CA ALA A 270 -13.54 0.89 20.42
C ALA A 270 -14.23 1.17 19.09
N ASP A 271 -14.76 2.38 18.90
CA ASP A 271 -15.44 2.67 17.64
C ASP A 271 -14.45 2.69 16.48
N GLU A 272 -13.27 3.25 16.71
CA GLU A 272 -12.28 3.40 15.64
C GLU A 272 -11.68 2.05 15.27
N ALA A 273 -11.25 1.29 16.29
CA ALA A 273 -10.75 -0.07 16.05
C ALA A 273 -11.79 -0.89 15.30
N ARG A 274 -13.05 -0.80 15.75
CA ARG A 274 -14.11 -1.52 15.07
C ARG A 274 -14.26 -1.05 13.64
N ARG A 275 -14.24 0.27 13.41
CA ARG A 275 -14.35 0.78 12.05
C ARG A 275 -13.16 0.32 11.19
N ALA A 276 -11.96 0.34 11.76
CA ALA A 276 -10.79 -0.15 11.02
C ALA A 276 -10.96 -1.62 10.68
N TYR A 277 -11.38 -2.43 11.66
CA TYR A 277 -11.64 -3.86 11.42
C TYR A 277 -12.56 -4.06 10.21
N GLU A 278 -13.70 -3.37 10.17
CA GLU A 278 -14.66 -3.62 9.10
C GLU A 278 -14.15 -3.12 7.76
N TYR A 279 -13.48 -1.97 7.76
CA TYR A 279 -12.84 -1.46 6.54
C TYR A 279 -11.90 -2.50 5.95
N MET A 280 -11.04 -3.08 6.80
CA MET A 280 -10.01 -4.02 6.34
C MET A 280 -10.65 -5.28 5.77
N LEU A 281 -11.70 -5.77 6.43
CA LEU A 281 -12.36 -6.99 5.98
C LEU A 281 -13.16 -6.74 4.71
N ALA A 282 -13.86 -5.59 4.63
CA ALA A 282 -14.56 -5.23 3.40
C ALA A 282 -13.59 -5.07 2.24
N GLU A 283 -12.48 -4.38 2.46
CA GLU A 283 -11.50 -4.18 1.40
C GLU A 283 -10.93 -5.52 0.92
N ARG A 284 -10.62 -6.42 1.86
CA ARG A 284 -10.01 -7.69 1.53
C ARG A 284 -11.03 -8.63 0.87
N LEU A 285 -12.24 -8.70 1.41
CA LEU A 285 -13.23 -9.62 0.87
C LEU A 285 -13.82 -9.15 -0.45
N LEU A 286 -13.83 -7.84 -0.70
CA LEU A 286 -14.62 -7.27 -1.79
C LEU A 286 -13.73 -6.63 -2.84
N ARG A 287 -13.12 -5.47 -2.56
CA ARG A 287 -12.42 -4.74 -3.61
C ARG A 287 -11.20 -5.51 -4.11
N TYR A 288 -10.37 -6.03 -3.18
CA TYR A 288 -9.17 -6.72 -3.64
C TYR A 288 -9.53 -8.00 -4.38
N ALA A 289 -10.68 -8.60 -4.05
CA ALA A 289 -11.08 -9.87 -4.64
C ALA A 289 -11.50 -9.74 -6.11
N VAL A 290 -11.82 -8.54 -6.60
CA VAL A 290 -12.26 -8.37 -7.99
C VAL A 290 -11.19 -7.74 -8.89
N GLU A 291 -10.07 -7.26 -8.34
CA GLU A 291 -9.01 -6.66 -9.16
C GLU A 291 -8.43 -7.67 -10.14
N GLY A 292 -8.16 -7.24 -11.37
CA GLY A 292 -7.45 -8.17 -12.27
C GLY A 292 -7.76 -8.02 -13.74
N ILE A 293 -6.78 -7.62 -14.56
CA ILE A 293 -6.95 -7.40 -16.02
C ILE A 293 -7.81 -8.54 -16.58
N PRO A 294 -7.30 -9.71 -17.04
CA PRO A 294 -8.17 -10.83 -17.37
C PRO A 294 -8.10 -11.78 -16.17
N ARG A 295 -7.01 -11.73 -15.41
CA ARG A 295 -6.78 -12.70 -14.32
C ARG A 295 -6.43 -11.98 -13.02
N PRO A 296 -6.64 -12.62 -11.86
CA PRO A 296 -6.38 -11.99 -10.57
C PRO A 296 -4.92 -11.60 -10.33
N ASN A 297 -4.71 -10.49 -9.64
CA ASN A 297 -3.33 -10.10 -9.25
C ASN A 297 -2.98 -10.81 -7.94
N TYR A 298 -1.82 -10.52 -7.39
CA TYR A 298 -1.44 -11.21 -6.16
C TYR A 298 -2.36 -10.85 -4.99
N ASP A 299 -2.85 -9.61 -4.94
CA ASP A 299 -3.81 -9.23 -3.90
C ASP A 299 -5.13 -9.97 -4.10
N ALA A 300 -5.54 -10.11 -5.36
CA ALA A 300 -6.77 -10.84 -5.67
C ALA A 300 -6.65 -12.29 -5.25
N VAL A 301 -5.56 -12.95 -5.63
CA VAL A 301 -5.40 -14.36 -5.28
C VAL A 301 -5.47 -14.53 -3.78
N ALA A 302 -4.82 -13.63 -3.04
CA ALA A 302 -4.89 -13.67 -1.57
C ALA A 302 -6.32 -13.53 -1.07
N SER A 303 -7.08 -12.59 -1.64
CA SER A 303 -8.49 -12.47 -1.25
C SER A 303 -9.27 -13.74 -1.58
N GLN A 304 -9.05 -14.30 -2.77
CA GLN A 304 -9.63 -15.60 -3.10
C GLN A 304 -9.29 -16.63 -2.02
N LEU A 305 -8.02 -16.71 -1.65
CA LEU A 305 -7.59 -17.63 -0.61
C LEU A 305 -8.37 -17.41 0.68
N LEU A 306 -8.42 -16.16 1.16
CA LEU A 306 -9.09 -15.91 2.42
C LEU A 306 -10.57 -16.26 2.32
N PHE A 307 -11.19 -15.91 1.19
CA PHE A 307 -12.60 -16.18 0.98
C PHE A 307 -12.88 -17.68 1.05
N ASN A 308 -12.22 -18.46 0.18
CA ASN A 308 -12.34 -19.92 0.22
C ASN A 308 -12.09 -20.46 1.62
N TYR A 309 -11.02 -20.00 2.27
CA TYR A 309 -10.73 -20.48 3.62
C TYR A 309 -11.88 -20.17 4.57
N LEU A 310 -12.48 -19.00 4.43
CA LEU A 310 -13.56 -18.62 5.34
C LEU A 310 -14.83 -19.41 5.07
N SER A 311 -15.16 -19.62 3.79
CA SER A 311 -16.32 -20.44 3.44
C SER A 311 -16.20 -21.83 4.07
N GLU A 312 -15.03 -22.45 3.93
CA GLU A 312 -14.89 -23.85 4.26
C GLU A 312 -14.66 -24.10 5.74
N ASN A 313 -14.45 -23.06 6.54
CA ASN A 313 -14.19 -23.21 7.96
C ASN A 313 -15.16 -22.43 8.83
N GLY A 314 -16.33 -22.07 8.28
CA GLY A 314 -17.39 -21.49 9.08
C GLY A 314 -17.21 -20.05 9.50
N GLY A 315 -16.38 -19.28 8.79
CA GLY A 315 -16.26 -17.86 9.07
C GLY A 315 -17.27 -17.02 8.30
N ILE A 316 -17.61 -17.46 7.09
CA ILE A 316 -18.63 -16.82 6.28
C ILE A 316 -19.43 -17.91 5.59
N ALA A 317 -20.63 -17.55 5.14
CA ALA A 317 -21.48 -18.46 4.39
C ALA A 317 -22.12 -17.70 3.25
N LEU A 318 -22.35 -18.40 2.14
CA LEU A 318 -23.02 -17.84 0.97
C LEU A 318 -24.48 -18.28 0.95
N ARG A 319 -25.38 -17.32 0.85
CA ARG A 319 -26.79 -17.63 0.64
C ARG A 319 -27.56 -16.41 0.15
N GLY A 320 -28.23 -16.55 -0.99
CA GLY A 320 -28.91 -15.43 -1.61
C GLY A 320 -28.07 -14.63 -2.57
N ASP A 321 -26.85 -15.11 -2.88
CA ASP A 321 -25.81 -14.35 -3.57
C ASP A 321 -25.21 -13.29 -2.66
N ARG A 322 -25.19 -13.55 -1.36
CA ARG A 322 -24.70 -12.62 -0.35
C ARG A 322 -23.74 -13.33 0.58
N ILE A 323 -22.59 -12.72 0.84
CA ILE A 323 -21.76 -13.19 1.96
C ILE A 323 -22.42 -12.84 3.27
N HIS A 324 -22.62 -13.85 4.12
CA HIS A 324 -23.05 -13.67 5.49
C HIS A 324 -21.85 -13.92 6.40
N LEU A 325 -21.58 -12.95 7.27
CA LEU A 325 -20.45 -13.02 8.19
C LEU A 325 -20.86 -13.78 9.44
N ALA A 326 -20.20 -14.91 9.71
CA ALA A 326 -20.59 -15.76 10.82
C ALA A 326 -20.22 -15.16 12.16
N PRO A 327 -21.01 -15.45 13.19
CA PRO A 327 -20.71 -14.97 14.55
C PRO A 327 -19.30 -15.27 15.00
N GLU A 328 -18.79 -16.45 14.67
CA GLU A 328 -17.45 -16.87 15.07
C GLU A 328 -16.41 -16.56 14.00
N LEU A 329 -16.64 -15.52 13.19
CA LEU A 329 -15.60 -15.07 12.26
C LEU A 329 -14.32 -14.68 12.98
N PRO A 330 -14.34 -13.92 14.09
CA PRO A 330 -13.08 -13.60 14.77
C PRO A 330 -12.30 -14.84 15.22
N ALA A 331 -13.00 -15.93 15.53
CA ALA A 331 -12.32 -17.17 15.86
C ALA A 331 -11.75 -17.82 14.60
N VAL A 332 -12.47 -17.75 13.48
CA VAL A 332 -11.95 -18.39 12.28
C VAL A 332 -10.77 -17.59 11.73
N LEU A 333 -10.78 -16.27 11.92
CA LEU A 333 -9.62 -15.47 11.54
C LEU A 333 -8.39 -15.85 12.34
N ALA A 334 -8.55 -16.03 13.65
CA ALA A 334 -7.38 -16.39 14.45
C ALA A 334 -6.89 -17.77 14.07
N ARG A 335 -7.80 -18.67 13.72
CA ARG A 335 -7.40 -19.97 13.22
C ARG A 335 -6.59 -19.83 11.95
N PHE A 336 -7.07 -18.98 11.03
CA PHE A 336 -6.36 -18.75 9.78
C PHE A 336 -4.94 -18.28 10.04
N LEU A 337 -4.80 -17.24 10.87
CA LEU A 337 -3.47 -16.72 11.15
C LEU A 337 -2.59 -17.79 11.79
N ASP A 338 -3.19 -18.66 12.60
CA ASP A 338 -2.38 -19.67 13.28
C ASP A 338 -1.82 -20.69 12.30
N GLU A 339 -2.56 -21.01 11.24
CA GLU A 339 -2.05 -21.95 10.25
C GLU A 339 -0.84 -21.36 9.52
N ILE A 340 -0.85 -20.06 9.24
CA ILE A 340 0.30 -19.41 8.63
C ILE A 340 1.48 -19.44 9.60
N VAL A 341 1.23 -19.05 10.85
CA VAL A 341 2.33 -18.96 11.81
C VAL A 341 2.95 -20.33 12.03
N THR A 342 2.12 -21.37 12.08
CA THR A 342 2.62 -22.72 12.25
C THR A 342 3.54 -23.13 11.12
N VAL A 343 3.19 -22.77 9.88
CA VAL A 343 4.09 -23.04 8.77
C VAL A 343 5.34 -22.18 8.89
N GLU A 344 5.19 -20.88 9.17
CA GLU A 344 6.35 -20.01 9.24
C GLU A 344 7.27 -20.34 10.40
N ARG A 345 6.76 -20.86 11.51
CA ARG A 345 7.65 -21.25 12.59
C ARG A 345 8.63 -22.34 12.17
N ARG A 346 8.32 -23.08 11.09
CA ARG A 346 9.23 -24.11 10.60
C ARG A 346 10.57 -23.54 10.13
N ILE A 347 10.61 -22.24 9.82
CA ILE A 347 11.84 -21.61 9.33
C ILE A 347 13.01 -21.83 10.29
N HIS A 348 12.73 -22.06 11.58
CA HIS A 348 13.77 -22.16 12.58
C HIS A 348 14.42 -23.53 12.63
N SER A 349 13.91 -24.50 11.86
CA SER A 349 14.41 -25.85 11.90
C SER A 349 14.45 -26.53 10.54
N GLU A 350 13.93 -25.93 9.49
CA GLU A 350 13.92 -26.53 8.15
C GLU A 350 14.50 -25.54 7.15
N SER A 351 14.66 -25.99 5.92
CA SER A 351 15.26 -25.12 4.92
C SER A 351 14.23 -24.11 4.44
N VAL A 352 14.73 -23.00 3.86
CA VAL A 352 13.82 -22.02 3.28
C VAL A 352 13.02 -22.66 2.16
N ALA A 353 13.68 -23.48 1.32
CA ALA A 353 12.97 -24.17 0.25
C ALA A 353 11.83 -25.00 0.80
N ASP A 354 12.07 -25.71 1.91
CA ASP A 354 11.03 -26.57 2.46
C ASP A 354 9.90 -25.75 3.10
N VAL A 355 10.23 -24.66 3.80
CA VAL A 355 9.17 -23.83 4.36
C VAL A 355 8.39 -23.14 3.25
N LYS A 356 9.08 -22.71 2.19
CA LYS A 356 8.37 -22.16 1.03
C LYS A 356 7.40 -23.19 0.44
N ALA A 357 7.82 -24.45 0.32
CA ALA A 357 6.91 -25.47 -0.18
C ALA A 357 5.69 -25.62 0.72
N GLY A 358 5.88 -25.47 2.03
CA GLY A 358 4.74 -25.58 2.94
C GLY A 358 3.78 -24.42 2.81
N LEU A 359 4.30 -23.20 2.68
CA LEU A 359 3.44 -22.05 2.44
C LEU A 359 2.67 -22.24 1.14
N LEU A 360 3.36 -22.68 0.09
CA LEU A 360 2.71 -22.93 -1.19
C LEU A 360 1.64 -24.01 -1.07
N ALA A 361 1.89 -25.05 -0.29
CA ALA A 361 0.88 -26.09 -0.12
C ALA A 361 -0.37 -25.54 0.54
N PHE A 362 -0.21 -24.61 1.49
CA PHE A 362 -1.36 -23.99 2.13
C PHE A 362 -2.19 -23.19 1.14
N THR A 363 -1.52 -22.35 0.33
CA THR A 363 -2.25 -21.53 -0.64
C THR A 363 -2.93 -22.38 -1.70
N ASN A 364 -2.28 -23.46 -2.14
CA ASN A 364 -2.86 -24.26 -3.22
C ASN A 364 -4.13 -24.95 -2.78
N ALA A 365 -4.23 -25.27 -1.48
CA ALA A 365 -5.42 -25.89 -0.93
C ALA A 365 -6.64 -24.96 -0.94
N TYR A 366 -6.45 -23.66 -1.16
CA TYR A 366 -7.57 -22.72 -1.07
C TYR A 366 -7.62 -21.79 -2.28
N THR A 367 -6.97 -22.13 -3.38
CA THR A 367 -7.02 -21.34 -4.60
C THR A 367 -7.13 -22.27 -5.80
N ASP A 368 -7.43 -21.71 -6.97
CA ASP A 368 -7.54 -22.49 -8.20
C ASP A 368 -6.56 -21.98 -9.24
N TYR A 369 -5.61 -22.84 -9.61
CA TYR A 369 -4.59 -22.48 -10.61
C TYR A 369 -4.83 -23.19 -11.92
N ASP A 370 -4.51 -22.55 -13.04
CA ASP A 370 -4.60 -23.26 -14.34
C ASP A 370 -3.23 -23.81 -14.72
N ASP A 375 -1.66 -19.67 -14.61
CA ASP A 375 -1.97 -18.56 -13.70
C ASP A 375 -3.21 -18.95 -12.91
N TYR A 376 -3.63 -18.06 -12.02
CA TYR A 376 -4.81 -18.33 -11.21
C TYR A 376 -6.06 -17.83 -11.90
N ARG A 377 -7.19 -18.44 -11.54
CA ARG A 377 -8.49 -18.06 -12.08
C ARG A 377 -9.28 -17.34 -11.01
N HIS A 378 -9.92 -16.23 -11.39
CA HIS A 378 -10.93 -15.62 -10.56
C HIS A 378 -11.98 -16.66 -10.20
N ILE A 379 -12.20 -16.89 -8.92
CA ILE A 379 -13.18 -17.90 -8.49
C ILE A 379 -14.58 -17.50 -8.96
N PRO A 380 -15.47 -18.48 -9.18
CA PRO A 380 -16.74 -18.18 -9.87
C PRO A 380 -17.61 -17.15 -9.17
N PHE A 381 -17.63 -17.14 -7.83
CA PHE A 381 -18.46 -16.15 -7.16
C PHE A 381 -18.09 -14.74 -7.58
N PHE A 382 -16.80 -14.47 -7.71
CA PHE A 382 -16.36 -13.10 -7.97
C PHE A 382 -16.31 -12.82 -9.46
N ALA A 383 -16.12 -13.86 -10.27
CA ALA A 383 -16.36 -13.72 -11.70
C ALA A 383 -17.78 -13.19 -11.95
N ASP A 384 -18.75 -13.71 -11.20
CA ASP A 384 -20.12 -13.24 -11.38
C ASP A 384 -20.34 -11.85 -10.81
N VAL A 385 -19.64 -11.50 -9.73
CA VAL A 385 -19.75 -10.14 -9.21
C VAL A 385 -19.11 -9.15 -10.18
N LYS A 386 -17.90 -9.45 -10.67
CA LYS A 386 -17.26 -8.59 -11.66
C LYS A 386 -18.16 -8.40 -12.87
N GLN A 387 -18.77 -9.49 -13.34
CA GLN A 387 -19.75 -9.42 -14.42
C GLN A 387 -20.95 -8.56 -14.01
N ARG A 388 -21.58 -8.91 -12.88
CA ARG A 388 -22.79 -8.21 -12.43
C ARG A 388 -22.55 -6.72 -12.26
N LEU A 389 -21.52 -6.33 -11.52
CA LEU A 389 -21.28 -4.93 -11.19
C LEU A 389 -20.27 -4.31 -12.16
N GLY A 390 -19.91 -3.06 -11.90
CA GLY A 390 -18.93 -2.38 -12.74
C GLY A 390 -17.48 -2.75 -12.46
FE FE2 B . 2.31 -5.06 2.24
#